data_7WDR
#
_entry.id   7WDR
#
_cell.length_a   201.847
_cell.length_b   201.847
_cell.length_c   201.847
_cell.angle_alpha   90.00
_cell.angle_beta   90.00
_cell.angle_gamma   90.00
#
_symmetry.space_group_name_H-M   'I 4 3 2'
#
loop_
_entity.id
_entity.type
_entity.pdbx_description
1 polymer Beta-glucosidase
2 non-polymer '4-nitrophenyl beta-D-glucopyranoside'
3 non-polymer 'SULFATE ION'
4 water water
#
_entity_poly.entity_id   1
_entity_poly.type   'polypeptide(L)'
_entity_poly.pdbx_seq_one_letter_code
;MVSTQNEPHRFPPDFQWGVATSSYQIEGAVEADGRSPSIWDTFCARPGAIADGSTGAIANDHYHRYREDIAIMKQLGVNA
YRFSIAWPRILPDGRGRVNQAGVDFYERLVDSLLEQGIEPYATLYHWDMPQVQHDRTPWYDRGVVDAFVEYTDVITRRLS
DRVKYWMTLNEPWVISFLGYGAGEHAPGLRDKELYLRAAHHVLLAHGKAMPVIRANGNAQTKAGIVLNLNWVNAASDSPE
DQAAARRYDQFFNRWFAEPLYNGRYPEELLEWYGRDLVPVQPGDFDIITTPTDFLAVNYYARTTVKAGSTDPMLQVDFVR
PPGEYTAMDWEVYPQGLYNILNWLHTDYAPPALYVTANGAAYDDQVSAAGEVDDPQRLAYLEGHFEAAYRAIQAGIPLKG
YFVWSLMDNFEWGRGFEKRFGIVFVDYATQQRIIKRSGKWFSQVTRANGLPAPQTTLP
;
_entity_poly.pdbx_strand_id   A
#
loop_
_chem_comp.id
_chem_comp.type
_chem_comp.name
_chem_comp.formula
PNW D-saccharide '4-nitrophenyl beta-D-glucopyranoside' 'C12 H15 N O8'
SO4 non-polymer 'SULFATE ION' 'O4 S -2'
#
# COMPACT_ATOMS: atom_id res chain seq x y z
N GLU A 7 -27.92 11.54 -16.64
CA GLU A 7 -26.74 10.77 -17.16
C GLU A 7 -25.79 10.45 -15.99
N PRO A 8 -26.25 9.78 -14.90
CA PRO A 8 -25.50 9.74 -13.66
C PRO A 8 -24.26 8.87 -13.86
N HIS A 9 -23.08 9.32 -13.46
CA HIS A 9 -21.82 8.59 -13.74
C HIS A 9 -21.81 7.38 -12.75
N ARG A 10 -22.40 6.24 -13.15
CA ARG A 10 -22.51 4.97 -12.35
C ARG A 10 -21.46 3.93 -12.79
N PHE A 11 -20.88 3.18 -11.85
CA PHE A 11 -19.77 2.21 -12.06
C PHE A 11 -20.33 0.83 -12.42
N PRO A 12 -19.51 -0.15 -12.90
CA PRO A 12 -20.02 -1.45 -13.29
C PRO A 12 -20.73 -2.11 -12.11
N PRO A 13 -21.74 -2.97 -12.38
CA PRO A 13 -22.61 -3.46 -11.30
C PRO A 13 -21.85 -4.05 -10.10
N ASP A 14 -20.79 -4.83 -10.34
CA ASP A 14 -20.08 -5.65 -9.32
C ASP A 14 -18.83 -4.89 -8.84
N PHE A 15 -18.73 -3.57 -9.07
CA PHE A 15 -17.55 -2.73 -8.71
C PHE A 15 -17.34 -2.84 -7.20
N GLN A 16 -16.09 -2.98 -6.78
CA GLN A 16 -15.71 -3.15 -5.35
C GLN A 16 -15.39 -1.76 -4.77
N TRP A 17 -16.26 -1.26 -3.90
CA TRP A 17 -16.02 -0.01 -3.12
C TRP A 17 -15.44 -0.39 -1.75
N GLY A 18 -14.23 0.09 -1.45
CA GLY A 18 -13.52 -0.28 -0.21
C GLY A 18 -12.89 0.92 0.46
N VAL A 19 -12.40 0.65 1.67
CA VAL A 19 -11.46 1.44 2.52
C VAL A 19 -10.31 0.49 2.86
N ALA A 20 -9.14 1.01 3.24
CA ALA A 20 -7.89 0.23 3.39
C ALA A 20 -7.14 0.69 4.63
N THR A 21 -6.60 -0.27 5.35
CA THR A 21 -5.73 -0.09 6.53
C THR A 21 -4.49 -0.96 6.33
N SER A 22 -3.54 -0.89 7.28
CA SER A 22 -2.47 -1.91 7.44
C SER A 22 -2.41 -2.38 8.92
N SER A 23 -1.98 -3.63 9.13
CA SER A 23 -1.82 -4.24 10.48
C SER A 23 -1.14 -3.28 11.48
N TYR A 24 0.12 -2.86 11.26
CA TYR A 24 0.83 -2.00 12.26
C TYR A 24 0.19 -0.61 12.42
N GLN A 25 -0.41 -0.05 11.36
CA GLN A 25 -0.96 1.33 11.40
C GLN A 25 -2.26 1.40 12.24
N ILE A 26 -3.03 0.30 12.39
CA ILE A 26 -4.33 0.34 13.14
C ILE A 26 -4.38 -0.55 14.40
N GLU A 27 -3.69 -1.70 14.45
CA GLU A 27 -3.94 -2.77 15.46
C GLU A 27 -3.62 -2.39 16.93
N GLY A 28 -2.45 -1.82 17.24
CA GLY A 28 -1.97 -1.73 18.63
C GLY A 28 -1.88 -3.12 19.24
N ALA A 29 -2.01 -3.26 20.57
CA ALA A 29 -1.88 -4.57 21.25
C ALA A 29 -0.60 -5.25 20.72
N VAL A 30 0.52 -4.51 20.78
CA VAL A 30 1.84 -4.85 20.15
C VAL A 30 2.48 -6.01 20.91
N GLU A 31 2.19 -6.19 22.21
CA GLU A 31 2.64 -7.32 23.07
C GLU A 31 1.54 -8.40 23.19
N ALA A 32 0.33 -8.16 22.69
CA ALA A 32 -0.83 -9.03 22.98
C ALA A 32 -0.61 -10.40 22.38
N ASP A 33 -1.05 -11.44 23.10
CA ASP A 33 -1.24 -12.82 22.56
C ASP A 33 0.03 -13.32 21.84
N GLY A 34 1.21 -13.18 22.44
CA GLY A 34 2.50 -13.72 21.94
C GLY A 34 2.98 -13.07 20.65
N ARG A 35 2.43 -11.91 20.25
CA ARG A 35 2.98 -11.11 19.11
C ARG A 35 4.38 -10.63 19.51
N SER A 36 5.35 -10.77 18.61
CA SER A 36 6.77 -10.41 18.81
C SER A 36 7.03 -9.03 18.21
N PRO A 37 8.08 -8.28 18.64
CA PRO A 37 8.34 -6.96 18.07
C PRO A 37 8.62 -7.03 16.55
N SER A 38 8.02 -6.14 15.76
CA SER A 38 8.28 -5.95 14.31
C SER A 38 9.45 -4.99 14.10
N ILE A 39 10.09 -5.00 12.92
CA ILE A 39 11.16 -4.02 12.56
C ILE A 39 10.71 -2.59 12.86
N TRP A 40 9.40 -2.29 12.82
CA TRP A 40 8.78 -0.95 13.10
C TRP A 40 8.68 -0.64 14.61
N ASP A 41 8.49 -1.66 15.44
CA ASP A 41 8.35 -1.51 16.91
C ASP A 41 9.70 -0.96 17.39
N THR A 42 10.80 -1.57 16.90
CA THR A 42 12.21 -1.20 17.19
C THR A 42 12.52 0.15 16.52
N PHE A 43 12.04 0.42 15.30
CA PHE A 43 12.37 1.65 14.51
C PHE A 43 11.84 2.90 15.22
N CYS A 44 10.59 2.83 15.74
CA CYS A 44 9.88 3.91 16.47
C CYS A 44 10.72 4.35 17.68
N ALA A 45 11.59 3.51 18.25
CA ALA A 45 12.48 3.87 19.38
C ALA A 45 13.56 4.86 18.91
N ARG A 46 13.87 4.96 17.61
CA ARG A 46 15.04 5.71 17.12
C ARG A 46 14.71 7.19 17.16
N PRO A 47 15.51 8.05 17.86
CA PRO A 47 15.23 9.49 17.97
C PRO A 47 15.20 10.13 16.57
N GLY A 48 14.19 10.94 16.26
CA GLY A 48 14.06 11.66 14.96
C GLY A 48 13.48 10.80 13.84
N ALA A 49 13.25 9.51 14.06
CA ALA A 49 12.62 8.61 13.08
C ALA A 49 11.17 9.00 12.83
N ILE A 50 10.42 9.39 13.88
CA ILE A 50 8.96 9.69 13.83
C ILE A 50 8.77 11.18 14.16
N ALA A 51 8.19 11.98 13.25
CA ALA A 51 8.14 13.45 13.33
C ALA A 51 7.62 13.89 14.71
N ASP A 52 6.75 13.09 15.34
CA ASP A 52 5.98 13.49 16.56
C ASP A 52 6.43 12.68 17.77
N GLY A 53 7.44 11.83 17.64
CA GLY A 53 7.98 10.97 18.72
C GLY A 53 7.04 9.86 19.17
N SER A 54 5.96 9.55 18.44
CA SER A 54 4.93 8.53 18.79
C SER A 54 5.35 7.13 18.30
N THR A 55 4.53 6.11 18.57
CA THR A 55 4.74 4.71 18.09
C THR A 55 3.40 4.06 17.73
N GLY A 56 3.43 2.83 17.21
CA GLY A 56 2.21 2.09 16.88
C GLY A 56 1.75 1.17 17.99
N ALA A 57 2.10 1.47 19.25
CA ALA A 57 1.90 0.58 20.43
C ALA A 57 0.39 0.42 20.71
N ILE A 58 -0.38 1.51 20.56
CA ILE A 58 -1.85 1.59 20.75
C ILE A 58 -2.50 1.82 19.37
N ALA A 59 -1.98 2.76 18.58
CA ALA A 59 -2.59 3.15 17.27
C ALA A 59 -4.10 3.34 17.49
N ASN A 60 -4.93 2.63 16.70
CA ASN A 60 -6.42 2.70 16.70
C ASN A 60 -7.01 1.60 17.60
N ASP A 61 -6.18 0.81 18.30
CA ASP A 61 -6.59 -0.29 19.22
C ASP A 61 -7.57 -1.22 18.47
N HIS A 62 -7.34 -1.47 17.18
CA HIS A 62 -8.27 -2.19 16.27
C HIS A 62 -8.24 -3.68 16.59
N TYR A 63 -7.12 -4.20 17.13
CA TYR A 63 -7.02 -5.55 17.76
C TYR A 63 -8.19 -5.80 18.75
N HIS A 64 -8.30 -5.02 19.84
CA HIS A 64 -9.38 -5.18 20.87
C HIS A 64 -10.68 -4.57 20.18
N ARG A 65 -10.68 -3.60 19.25
CA ARG A 65 -11.96 -2.96 18.73
C ARG A 65 -12.40 -3.26 17.28
N TYR A 66 -11.97 -4.32 16.61
CA TYR A 66 -12.29 -4.59 15.18
C TYR A 66 -13.81 -4.61 14.88
N ARG A 67 -14.66 -5.07 15.81
CA ARG A 67 -16.15 -5.26 15.60
C ARG A 67 -16.84 -3.90 15.37
N GLU A 68 -16.49 -2.93 16.20
CA GLU A 68 -16.91 -1.51 16.08
C GLU A 68 -16.53 -1.04 14.67
N ASP A 69 -15.31 -1.32 14.22
CA ASP A 69 -14.79 -0.80 12.92
C ASP A 69 -15.60 -1.38 11.74
N ILE A 70 -15.85 -2.70 11.74
CA ILE A 70 -16.72 -3.43 10.76
C ILE A 70 -18.13 -2.79 10.75
N ALA A 71 -18.69 -2.43 11.92
CA ALA A 71 -20.02 -1.76 12.05
C ALA A 71 -19.95 -0.39 11.40
N ILE A 72 -18.88 0.38 11.63
CA ILE A 72 -18.59 1.66 10.90
C ILE A 72 -18.46 1.38 9.39
N MET A 73 -17.76 0.30 9.00
CA MET A 73 -17.63 -0.08 7.56
C MET A 73 -19.03 -0.34 6.99
N LYS A 74 -19.91 -1.01 7.73
CA LYS A 74 -21.30 -1.30 7.27
C LYS A 74 -22.02 0.03 7.09
N GLN A 75 -21.79 1.01 7.97
CA GLN A 75 -22.38 2.36 7.86
C GLN A 75 -21.86 2.99 6.58
N LEU A 76 -20.56 2.88 6.29
CA LEU A 76 -19.90 3.49 5.10
C LEU A 76 -20.47 2.84 3.84
N GLY A 77 -21.04 1.64 3.95
CA GLY A 77 -21.71 0.91 2.85
C GLY A 77 -20.75 0.24 1.87
N VAL A 78 -19.49 -0.02 2.24
CA VAL A 78 -18.49 -0.72 1.38
C VAL A 78 -18.89 -2.19 1.16
N ASN A 79 -18.50 -2.82 0.07
CA ASN A 79 -18.67 -4.29 -0.16
C ASN A 79 -17.32 -5.02 -0.03
N ALA A 80 -16.24 -4.29 0.30
CA ALA A 80 -14.88 -4.86 0.45
C ALA A 80 -14.08 -4.06 1.48
N TYR A 81 -13.09 -4.74 2.05
CA TYR A 81 -12.17 -4.18 3.08
C TYR A 81 -10.78 -4.69 2.75
N ARG A 82 -9.82 -3.77 2.59
CA ARG A 82 -8.39 -4.13 2.36
C ARG A 82 -7.68 -3.94 3.70
N PHE A 83 -7.07 -5.01 4.21
CA PHE A 83 -6.25 -5.01 5.44
C PHE A 83 -4.99 -5.81 5.16
N SER A 84 -3.99 -5.62 6.02
CA SER A 84 -2.74 -6.43 6.05
C SER A 84 -2.77 -7.36 7.28
N ILE A 85 -2.16 -8.53 7.14
CA ILE A 85 -1.92 -9.51 8.24
C ILE A 85 -0.51 -9.25 8.80
N ALA A 86 -0.35 -9.33 10.11
CA ALA A 86 0.92 -9.10 10.83
C ALA A 86 1.66 -10.42 11.01
N TRP A 87 2.68 -10.67 10.17
CA TRP A 87 3.69 -11.76 10.28
C TRP A 87 4.13 -11.99 11.73
N PRO A 88 4.49 -10.93 12.51
CA PRO A 88 4.75 -11.08 13.95
C PRO A 88 3.72 -11.85 14.81
N ARG A 89 2.43 -11.83 14.46
CA ARG A 89 1.35 -12.52 15.23
C ARG A 89 1.30 -14.02 14.85
N ILE A 90 1.57 -14.34 13.59
CA ILE A 90 1.37 -15.67 12.93
C ILE A 90 2.61 -16.54 13.15
N LEU A 91 3.80 -15.97 12.92
CA LEU A 91 5.10 -16.62 13.24
C LEU A 91 5.90 -15.60 14.04
N PRO A 92 5.71 -15.54 15.37
CA PRO A 92 6.48 -14.63 16.24
C PRO A 92 8.00 -14.82 16.24
N ASP A 93 8.45 -16.08 16.05
CA ASP A 93 9.89 -16.46 16.03
C ASP A 93 10.44 -16.28 14.61
N GLY A 94 9.58 -15.82 13.68
CA GLY A 94 9.91 -15.52 12.27
C GLY A 94 9.52 -16.69 11.39
N ARG A 95 9.91 -17.90 11.81
CA ARG A 95 9.57 -19.21 11.18
C ARG A 95 9.25 -20.13 12.35
N GLY A 96 8.76 -21.34 12.06
CA GLY A 96 8.54 -22.41 13.05
C GLY A 96 7.12 -22.42 13.63
N ARG A 97 7.01 -22.36 14.94
CA ARG A 97 5.72 -22.57 15.65
C ARG A 97 4.73 -21.56 15.10
N VAL A 98 3.59 -22.01 14.60
CA VAL A 98 2.42 -21.13 14.30
C VAL A 98 1.91 -20.70 15.67
N ASN A 99 1.47 -19.46 15.80
CA ASN A 99 0.86 -18.93 17.05
C ASN A 99 -0.65 -18.89 16.79
N GLN A 100 -1.41 -19.87 17.31
CA GLN A 100 -2.88 -20.09 17.07
C GLN A 100 -3.67 -18.85 17.52
N ALA A 101 -3.30 -18.25 18.66
CA ALA A 101 -3.91 -16.99 19.18
C ALA A 101 -3.81 -15.93 18.09
N GLY A 102 -2.65 -15.83 17.45
CA GLY A 102 -2.38 -14.90 16.34
C GLY A 102 -3.32 -15.16 15.18
N VAL A 103 -3.34 -16.40 14.70
CA VAL A 103 -4.18 -16.86 13.56
C VAL A 103 -5.67 -16.69 13.96
N ASP A 104 -5.95 -16.81 15.27
CA ASP A 104 -7.34 -16.75 15.79
C ASP A 104 -7.95 -15.39 15.40
N PHE A 105 -7.19 -14.30 15.63
CA PHE A 105 -7.64 -12.91 15.40
C PHE A 105 -8.11 -12.70 13.94
N TYR A 106 -7.32 -13.12 12.94
CA TYR A 106 -7.62 -12.88 11.51
C TYR A 106 -8.81 -13.74 11.08
N GLU A 107 -9.01 -14.87 11.75
CA GLU A 107 -10.19 -15.77 11.53
C GLU A 107 -11.46 -15.08 12.02
N ARG A 108 -11.44 -14.54 13.25
CA ARG A 108 -12.54 -13.76 13.84
C ARG A 108 -12.81 -12.52 12.94
N LEU A 109 -11.77 -11.82 12.49
CA LEU A 109 -11.87 -10.60 11.63
C LEU A 109 -12.52 -10.98 10.29
N VAL A 110 -11.99 -11.97 9.57
CA VAL A 110 -12.55 -12.42 8.26
C VAL A 110 -13.97 -12.97 8.48
N ASP A 111 -14.22 -13.73 9.55
CA ASP A 111 -15.57 -14.31 9.84
C ASP A 111 -16.55 -13.16 10.06
N SER A 112 -16.19 -12.19 10.92
CA SER A 112 -16.98 -10.95 11.14
C SER A 112 -17.28 -10.26 9.81
N LEU A 113 -16.28 -10.07 8.94
CA LEU A 113 -16.41 -9.40 7.61
C LEU A 113 -17.39 -10.17 6.71
N LEU A 114 -17.18 -11.48 6.51
CA LEU A 114 -18.01 -12.33 5.61
C LEU A 114 -19.48 -12.33 6.06
N GLU A 115 -19.75 -12.42 7.37
CA GLU A 115 -21.14 -12.50 7.93
C GLU A 115 -21.84 -11.12 7.81
N GLN A 116 -21.11 -10.01 7.59
CA GLN A 116 -21.71 -8.69 7.18
C GLN A 116 -21.65 -8.53 5.65
N GLY A 117 -21.37 -9.60 4.90
CA GLY A 117 -21.20 -9.56 3.44
C GLY A 117 -20.23 -8.46 3.00
N ILE A 118 -19.07 -8.31 3.66
CA ILE A 118 -17.91 -7.47 3.22
C ILE A 118 -16.80 -8.43 2.74
N GLU A 119 -16.32 -8.27 1.50
CA GLU A 119 -15.24 -9.12 0.92
C GLU A 119 -13.88 -8.74 1.50
N PRO A 120 -13.10 -9.71 2.02
CA PRO A 120 -11.75 -9.44 2.50
C PRO A 120 -10.71 -9.42 1.38
N TYR A 121 -9.80 -8.45 1.42
CA TYR A 121 -8.62 -8.32 0.53
C TYR A 121 -7.35 -8.36 1.41
N ALA A 122 -6.76 -9.54 1.59
CA ALA A 122 -5.66 -9.74 2.55
C ALA A 122 -4.34 -9.40 1.86
N THR A 123 -3.70 -8.30 2.30
CA THR A 123 -2.30 -7.93 1.97
C THR A 123 -1.36 -8.80 2.83
N LEU A 124 -0.56 -9.69 2.24
CA LEU A 124 0.28 -10.58 3.10
C LEU A 124 1.33 -9.75 3.86
N TYR A 125 2.04 -8.82 3.21
CA TYR A 125 3.16 -8.05 3.82
C TYR A 125 2.97 -6.54 3.59
N HIS A 126 2.68 -5.81 4.67
CA HIS A 126 2.64 -4.32 4.74
C HIS A 126 3.65 -3.85 5.80
N TRP A 127 4.90 -4.27 5.64
CA TRP A 127 6.14 -3.60 6.11
C TRP A 127 6.53 -4.07 7.50
N ASP A 128 5.84 -5.05 8.08
CA ASP A 128 5.99 -5.28 9.54
C ASP A 128 6.65 -6.64 9.78
N MET A 129 7.83 -6.86 9.20
CA MET A 129 8.61 -8.10 9.43
C MET A 129 8.91 -8.20 10.93
N PRO A 130 8.76 -9.40 11.51
CA PRO A 130 9.26 -9.68 12.85
C PRO A 130 10.75 -9.31 12.92
N GLN A 131 11.16 -8.51 13.90
CA GLN A 131 12.58 -8.14 14.14
C GLN A 131 13.49 -9.38 14.23
N VAL A 132 13.06 -10.46 14.89
CA VAL A 132 13.90 -11.67 15.08
C VAL A 132 14.23 -12.26 13.69
N GLN A 133 13.27 -12.15 12.76
CA GLN A 133 13.40 -12.67 11.38
C GLN A 133 14.33 -11.75 10.58
N HIS A 134 14.12 -10.45 10.69
CA HIS A 134 14.96 -9.42 10.02
C HIS A 134 16.42 -9.63 10.48
N ASP A 135 16.60 -9.94 11.77
CA ASP A 135 17.93 -10.19 12.40
C ASP A 135 18.65 -11.27 11.58
N ARG A 136 17.91 -12.25 11.04
CA ARG A 136 18.49 -13.36 10.23
C ARG A 136 18.44 -13.02 8.73
N THR A 137 17.32 -12.52 8.20
CA THR A 137 17.14 -12.30 6.73
C THR A 137 16.59 -10.90 6.48
N PRO A 138 17.43 -9.84 6.43
CA PRO A 138 16.97 -8.55 5.92
C PRO A 138 16.53 -8.68 4.46
N TRP A 139 15.87 -7.65 3.93
CA TRP A 139 15.28 -7.71 2.57
C TRP A 139 16.42 -7.78 1.55
N TYR A 140 17.63 -7.35 1.96
CA TYR A 140 18.83 -7.34 1.10
C TYR A 140 19.53 -8.71 1.12
N ASP A 141 19.15 -9.61 2.04
CA ASP A 141 19.65 -11.01 2.15
C ASP A 141 18.63 -11.94 1.47
N ARG A 142 19.07 -12.72 0.48
CA ARG A 142 18.23 -13.56 -0.42
C ARG A 142 17.40 -14.61 0.38
N GLY A 143 17.83 -15.00 1.59
CA GLY A 143 17.15 -16.01 2.42
C GLY A 143 15.74 -15.60 2.84
N VAL A 144 15.47 -14.29 2.86
CA VAL A 144 14.14 -13.66 3.11
C VAL A 144 13.05 -14.29 2.20
N VAL A 145 13.39 -14.63 0.96
CA VAL A 145 12.40 -15.16 -0.03
C VAL A 145 11.77 -16.43 0.57
N ASP A 146 12.60 -17.37 1.05
CA ASP A 146 12.10 -18.63 1.68
C ASP A 146 11.27 -18.28 2.94
N ALA A 147 11.76 -17.36 3.78
CA ALA A 147 11.14 -16.91 5.05
C ALA A 147 9.71 -16.39 4.82
N PHE A 148 9.54 -15.58 3.77
CA PHE A 148 8.25 -14.95 3.39
C PHE A 148 7.32 -16.06 2.92
N VAL A 149 7.85 -16.94 2.05
CA VAL A 149 7.05 -18.03 1.41
C VAL A 149 6.49 -18.95 2.50
N GLU A 150 7.31 -19.32 3.48
CA GLU A 150 6.89 -20.14 4.64
C GLU A 150 5.70 -19.44 5.36
N TYR A 151 5.85 -18.18 5.77
CA TYR A 151 4.77 -17.30 6.35
C TYR A 151 3.49 -17.36 5.51
N THR A 152 3.65 -17.21 4.19
CA THR A 152 2.57 -17.14 3.18
C THR A 152 1.82 -18.47 3.23
N ASP A 153 2.57 -19.57 3.12
CA ASP A 153 2.06 -20.96 3.14
C ASP A 153 1.15 -21.11 4.38
N VAL A 154 1.65 -20.71 5.56
CA VAL A 154 0.98 -20.97 6.88
C VAL A 154 -0.40 -20.32 6.79
N ILE A 155 -0.42 -19.00 6.63
CA ILE A 155 -1.64 -18.16 6.82
C ILE A 155 -2.57 -18.36 5.62
N THR A 156 -2.05 -18.67 4.42
CA THR A 156 -2.89 -18.95 3.23
C THR A 156 -3.53 -20.34 3.37
N ARG A 157 -2.89 -21.31 4.02
CA ARG A 157 -3.51 -22.62 4.42
C ARG A 157 -4.71 -22.37 5.34
N ARG A 158 -4.60 -21.46 6.29
CA ARG A 158 -5.58 -21.26 7.39
C ARG A 158 -6.80 -20.52 6.83
N LEU A 159 -6.62 -19.51 5.97
CA LEU A 159 -7.75 -18.60 5.60
C LEU A 159 -8.22 -18.75 4.15
N SER A 160 -7.59 -19.50 3.25
CA SER A 160 -7.92 -19.36 1.81
C SER A 160 -9.31 -19.92 1.50
N ASP A 161 -9.90 -20.74 2.40
CA ASP A 161 -11.35 -21.10 2.36
C ASP A 161 -12.20 -19.82 2.28
N ARG A 162 -11.92 -18.85 3.16
CA ARG A 162 -12.71 -17.61 3.37
C ARG A 162 -12.08 -16.41 2.66
N VAL A 163 -10.85 -16.50 2.14
CA VAL A 163 -10.17 -15.33 1.51
C VAL A 163 -9.76 -15.68 0.07
N LYS A 164 -10.35 -14.99 -0.91
CA LYS A 164 -10.19 -15.27 -2.38
C LYS A 164 -9.11 -14.33 -2.91
N TYR A 165 -9.19 -13.05 -2.52
CA TYR A 165 -8.32 -11.93 -2.96
C TYR A 165 -7.15 -11.77 -1.97
N TRP A 166 -5.94 -11.93 -2.49
CA TRP A 166 -4.65 -11.85 -1.73
C TRP A 166 -3.76 -10.87 -2.49
N MET A 167 -3.24 -9.87 -1.78
CA MET A 167 -2.08 -9.09 -2.25
C MET A 167 -0.83 -9.63 -1.51
N THR A 168 0.26 -9.80 -2.26
CA THR A 168 1.55 -10.39 -1.80
C THR A 168 2.27 -9.31 -0.97
N LEU A 169 2.89 -8.32 -1.61
CA LEU A 169 3.65 -7.26 -0.90
C LEU A 169 3.13 -5.87 -1.31
N ASN A 170 3.07 -4.96 -0.34
CA ASN A 170 2.58 -3.57 -0.51
C ASN A 170 3.77 -2.67 -0.79
N GLU A 171 3.85 -2.13 -2.02
CA GLU A 171 4.73 -0.99 -2.38
C GLU A 171 6.21 -1.38 -2.25
N PRO A 172 6.69 -2.29 -3.14
CA PRO A 172 8.11 -2.68 -3.20
C PRO A 172 9.06 -1.48 -3.10
N TRP A 173 8.87 -0.48 -3.95
CA TRP A 173 9.61 0.82 -3.92
C TRP A 173 9.74 1.40 -2.50
N VAL A 174 8.66 1.44 -1.73
CA VAL A 174 8.66 1.89 -0.31
C VAL A 174 9.50 0.93 0.54
N ILE A 175 9.14 -0.35 0.55
CA ILE A 175 9.81 -1.42 1.34
C ILE A 175 11.34 -1.33 1.13
N SER A 176 11.79 -1.11 -0.11
CA SER A 176 13.21 -1.19 -0.55
C SER A 176 13.91 0.17 -0.44
N PHE A 177 13.40 1.20 -1.10
CA PHE A 177 14.06 2.54 -1.10
C PHE A 177 13.83 3.18 0.26
N LEU A 178 12.61 3.29 0.77
CA LEU A 178 12.44 3.99 2.06
C LEU A 178 13.13 3.19 3.18
N GLY A 179 13.13 1.85 3.14
CA GLY A 179 13.67 1.05 4.25
C GLY A 179 15.20 0.94 4.23
N TYR A 180 15.79 0.85 3.03
CA TYR A 180 17.23 0.56 2.83
C TYR A 180 17.90 1.67 2.00
N GLY A 181 17.11 2.51 1.33
CA GLY A 181 17.58 3.50 0.35
C GLY A 181 17.79 4.84 1.02
N ALA A 182 16.76 5.40 1.66
CA ALA A 182 16.75 6.78 2.19
C ALA A 182 16.76 6.78 3.72
N GLY A 183 16.75 5.58 4.34
CA GLY A 183 16.69 5.37 5.80
C GLY A 183 15.47 5.98 6.49
N GLU A 184 14.41 6.28 5.75
CA GLU A 184 13.20 6.94 6.30
C GLU A 184 12.21 5.93 6.92
N HIS A 185 12.21 4.65 6.54
CA HIS A 185 11.34 3.56 7.10
C HIS A 185 12.21 2.43 7.70
N ALA A 186 11.62 1.59 8.57
CA ALA A 186 12.25 0.38 9.16
C ALA A 186 12.79 -0.50 8.02
N PRO A 187 14.01 -1.09 8.10
CA PRO A 187 14.89 -0.96 9.25
C PRO A 187 15.64 0.38 9.32
N GLY A 188 15.50 1.26 8.32
CA GLY A 188 16.11 2.60 8.33
C GLY A 188 17.61 2.58 8.02
N LEU A 189 18.01 1.85 6.97
CA LEU A 189 19.36 1.82 6.33
C LEU A 189 19.35 2.69 5.07
N ARG A 190 20.51 3.09 4.57
CA ARG A 190 20.63 4.18 3.57
C ARG A 190 21.80 3.90 2.60
N ASP A 191 21.58 3.00 1.64
CA ASP A 191 22.68 2.50 0.79
C ASP A 191 22.09 2.05 -0.53
N LYS A 192 22.66 2.55 -1.64
CA LYS A 192 22.29 2.21 -3.04
C LYS A 192 22.20 0.68 -3.19
N GLU A 193 23.27 -0.06 -2.85
CA GLU A 193 23.30 -1.53 -3.07
C GLU A 193 22.18 -2.20 -2.28
N LEU A 194 22.09 -1.86 -0.99
CA LEU A 194 21.12 -2.49 -0.04
C LEU A 194 19.69 -2.34 -0.55
N TYR A 195 19.38 -1.15 -1.10
CA TYR A 195 18.03 -0.80 -1.62
C TYR A 195 17.73 -1.68 -2.84
N LEU A 196 18.69 -1.76 -3.79
CA LEU A 196 18.56 -2.56 -5.03
C LEU A 196 18.40 -4.05 -4.68
N ARG A 197 19.31 -4.68 -3.92
CA ARG A 197 19.17 -6.07 -3.42
C ARG A 197 17.76 -6.28 -2.84
N ALA A 198 17.30 -5.34 -2.01
CA ALA A 198 15.97 -5.40 -1.37
C ALA A 198 14.87 -5.31 -2.45
N ALA A 199 14.94 -4.37 -3.41
CA ALA A 199 13.96 -4.24 -4.51
C ALA A 199 13.82 -5.60 -5.22
N HIS A 200 14.96 -6.19 -5.61
CA HIS A 200 15.08 -7.54 -6.24
C HIS A 200 14.50 -8.65 -5.35
N HIS A 201 14.80 -8.72 -4.06
CA HIS A 201 14.31 -9.86 -3.22
C HIS A 201 12.82 -9.71 -2.92
N VAL A 202 12.29 -8.49 -2.82
CA VAL A 202 10.82 -8.21 -2.76
C VAL A 202 10.16 -8.81 -4.02
N LEU A 203 10.66 -8.50 -5.22
CA LEU A 203 10.11 -9.01 -6.51
C LEU A 203 10.13 -10.53 -6.50
N LEU A 204 11.25 -11.12 -6.07
CA LEU A 204 11.46 -12.59 -6.02
C LEU A 204 10.45 -13.21 -5.06
N ALA A 205 10.25 -12.57 -3.91
CA ALA A 205 9.37 -13.00 -2.81
C ALA A 205 7.92 -13.00 -3.32
N HIS A 206 7.49 -11.93 -3.99
CA HIS A 206 6.16 -11.84 -4.66
C HIS A 206 5.99 -13.05 -5.59
N GLY A 207 7.01 -13.31 -6.41
CA GLY A 207 7.02 -14.37 -7.44
C GLY A 207 6.86 -15.76 -6.84
N LYS A 208 7.68 -16.15 -5.86
CA LYS A 208 7.66 -17.52 -5.27
C LYS A 208 6.34 -17.72 -4.50
N ALA A 209 5.75 -16.65 -3.90
CA ALA A 209 4.54 -16.76 -3.05
C ALA A 209 3.28 -17.05 -3.89
N MET A 210 3.23 -16.57 -5.14
CA MET A 210 2.07 -16.75 -6.07
C MET A 210 1.64 -18.22 -6.13
N PRO A 211 2.46 -19.21 -6.58
CA PRO A 211 1.99 -20.59 -6.71
C PRO A 211 1.66 -21.26 -5.35
N VAL A 212 2.21 -20.73 -4.25
CA VAL A 212 1.83 -21.16 -2.86
C VAL A 212 0.42 -20.65 -2.53
N ILE A 213 0.06 -19.40 -2.87
CA ILE A 213 -1.33 -18.89 -2.70
C ILE A 213 -2.34 -19.77 -3.49
N ARG A 214 -2.14 -19.91 -4.80
CA ARG A 214 -3.01 -20.67 -5.74
C ARG A 214 -3.16 -22.12 -5.26
N ALA A 215 -2.04 -22.74 -4.86
CA ALA A 215 -1.95 -24.12 -4.35
C ALA A 215 -2.83 -24.27 -3.10
N ASN A 216 -2.77 -23.34 -2.14
CA ASN A 216 -3.63 -23.39 -0.94
C ASN A 216 -5.08 -22.94 -1.25
N GLY A 217 -5.38 -22.45 -2.46
CA GLY A 217 -6.73 -21.94 -2.77
C GLY A 217 -7.53 -22.89 -3.64
N ASN A 218 -8.32 -22.32 -4.57
CA ASN A 218 -9.14 -23.02 -5.58
C ASN A 218 -9.11 -22.16 -6.86
N ALA A 219 -9.98 -22.42 -7.85
CA ALA A 219 -10.07 -21.69 -9.14
C ALA A 219 -10.55 -20.27 -8.86
N GLN A 220 -11.26 -20.06 -7.75
CA GLN A 220 -11.85 -18.75 -7.35
C GLN A 220 -10.75 -17.82 -6.79
N THR A 221 -9.57 -18.36 -6.41
CA THR A 221 -8.44 -17.63 -5.78
C THR A 221 -7.81 -16.63 -6.77
N LYS A 222 -7.68 -15.36 -6.38
CA LYS A 222 -7.13 -14.25 -7.21
C LYS A 222 -6.01 -13.56 -6.42
N ALA A 223 -4.87 -13.27 -7.05
CA ALA A 223 -3.66 -12.74 -6.37
C ALA A 223 -2.82 -11.83 -7.27
N GLY A 224 -2.22 -10.81 -6.66
CA GLY A 224 -1.31 -9.88 -7.37
C GLY A 224 -0.49 -9.08 -6.39
N ILE A 225 0.36 -8.20 -6.92
CA ILE A 225 1.23 -7.30 -6.14
C ILE A 225 0.52 -5.95 -6.07
N VAL A 226 0.95 -5.11 -5.11
CA VAL A 226 0.51 -3.69 -4.93
C VAL A 226 1.71 -2.78 -5.26
N LEU A 227 1.66 -2.06 -6.38
CA LEU A 227 2.68 -1.02 -6.69
C LEU A 227 2.11 0.36 -6.30
N ASN A 228 2.92 1.20 -5.68
CA ASN A 228 2.64 2.66 -5.62
C ASN A 228 3.22 3.28 -6.89
N LEU A 229 2.42 4.06 -7.64
CA LEU A 229 2.88 4.77 -8.86
C LEU A 229 2.52 6.27 -8.74
N ASN A 230 3.49 7.15 -9.01
CA ASN A 230 3.20 8.61 -9.14
C ASN A 230 3.23 8.99 -10.62
N TRP A 231 2.39 9.96 -11.00
CA TRP A 231 2.48 10.60 -12.33
C TRP A 231 3.69 11.55 -12.35
N VAL A 232 4.71 11.21 -13.12
CA VAL A 232 5.96 12.02 -13.21
C VAL A 232 5.89 12.91 -14.44
N ASN A 233 6.54 14.04 -14.36
CA ASN A 233 6.41 15.19 -15.28
C ASN A 233 7.79 15.85 -15.31
N ALA A 234 8.29 16.30 -16.46
CA ALA A 234 9.58 17.01 -16.60
C ALA A 234 9.27 18.51 -16.48
N ALA A 235 10.04 19.26 -15.68
CA ALA A 235 9.86 20.70 -15.41
C ALA A 235 9.93 21.51 -16.71
N SER A 236 10.70 21.07 -17.69
CA SER A 236 10.94 21.77 -18.97
C SER A 236 11.09 20.72 -20.09
N ASP A 237 10.88 21.10 -21.35
CA ASP A 237 11.05 20.18 -22.51
C ASP A 237 12.52 20.25 -23.00
N SER A 238 13.42 20.87 -22.23
CA SER A 238 14.90 20.81 -22.39
C SER A 238 15.38 19.36 -22.41
N PRO A 239 16.64 19.09 -22.85
CA PRO A 239 17.13 17.71 -22.97
C PRO A 239 17.42 17.04 -21.61
N GLU A 240 18.28 17.65 -20.78
CA GLU A 240 18.77 17.04 -19.50
C GLU A 240 17.71 17.15 -18.39
N ASP A 241 16.63 17.91 -18.58
CA ASP A 241 15.47 17.84 -17.65
C ASP A 241 14.62 16.59 -17.95
N GLN A 242 14.35 16.32 -19.24
CA GLN A 242 13.58 15.13 -19.69
C GLN A 242 14.37 13.87 -19.30
N ALA A 243 15.71 13.96 -19.23
CA ALA A 243 16.59 12.90 -18.68
C ALA A 243 16.37 12.72 -17.16
N ALA A 244 16.23 13.79 -16.37
CA ALA A 244 15.92 13.72 -14.91
C ALA A 244 14.56 13.04 -14.64
N ALA A 245 13.52 13.47 -15.34
CA ALA A 245 12.13 12.94 -15.23
C ALA A 245 12.11 11.43 -15.56
N ARG A 246 12.75 11.05 -16.65
CA ARG A 246 12.83 9.68 -17.22
C ARG A 246 13.53 8.77 -16.20
N ARG A 247 14.65 9.22 -15.65
CA ARG A 247 15.45 8.53 -14.59
C ARG A 247 14.58 8.35 -13.33
N TYR A 248 13.86 9.40 -12.92
CA TYR A 248 12.97 9.38 -11.72
C TYR A 248 11.75 8.48 -11.98
N ASP A 249 11.18 8.45 -13.21
CA ASP A 249 10.00 7.61 -13.59
C ASP A 249 10.39 6.12 -13.49
N GLN A 250 11.57 5.79 -14.01
CA GLN A 250 12.21 4.44 -14.02
C GLN A 250 12.46 3.97 -12.57
N PHE A 251 12.86 4.90 -11.71
CA PHE A 251 13.18 4.68 -10.26
C PHE A 251 11.91 4.28 -9.49
N PHE A 252 10.84 5.04 -9.71
CA PHE A 252 9.57 4.91 -8.98
C PHE A 252 8.72 3.83 -9.62
N ASN A 253 8.40 3.94 -10.92
CA ASN A 253 7.28 3.20 -11.56
C ASN A 253 7.80 1.92 -12.24
N ARG A 254 8.80 2.09 -13.11
CA ARG A 254 9.19 1.10 -14.16
C ARG A 254 10.15 0.04 -13.60
N TRP A 255 10.80 0.33 -12.46
CA TRP A 255 11.76 -0.59 -11.77
C TRP A 255 11.04 -1.88 -11.32
N PHE A 256 9.74 -1.82 -11.06
CA PHE A 256 8.91 -2.94 -10.56
C PHE A 256 8.02 -3.48 -11.68
N ALA A 257 7.40 -2.58 -12.45
CA ALA A 257 6.54 -2.95 -13.61
C ALA A 257 7.31 -3.79 -14.63
N GLU A 258 8.47 -3.31 -15.08
CA GLU A 258 9.19 -3.92 -16.23
C GLU A 258 9.56 -5.37 -15.86
N PRO A 259 10.23 -5.63 -14.71
CA PRO A 259 10.48 -6.99 -14.26
C PRO A 259 9.23 -7.87 -14.25
N LEU A 260 8.13 -7.37 -13.69
CA LEU A 260 6.86 -8.13 -13.48
C LEU A 260 6.26 -8.60 -14.81
N TYR A 261 6.26 -7.80 -15.86
CA TYR A 261 5.56 -8.10 -17.15
C TYR A 261 6.54 -8.42 -18.30
N ASN A 262 7.76 -7.84 -18.33
CA ASN A 262 8.78 -8.02 -19.41
C ASN A 262 10.10 -8.64 -18.92
N GLY A 263 10.18 -9.19 -17.71
CA GLY A 263 11.35 -9.96 -17.25
C GLY A 263 12.66 -9.19 -17.34
N ARG A 264 12.68 -7.89 -17.05
CA ARG A 264 13.90 -7.02 -17.17
C ARG A 264 13.76 -5.72 -16.36
N TYR A 265 14.86 -5.20 -15.80
CA TYR A 265 14.96 -3.82 -15.25
C TYR A 265 15.08 -2.80 -16.37
N PRO A 266 14.63 -1.53 -16.20
CA PRO A 266 14.93 -0.46 -17.16
C PRO A 266 16.43 -0.31 -17.43
N GLU A 267 16.80 -0.18 -18.72
CA GLU A 267 18.19 -0.26 -19.25
C GLU A 267 19.02 0.95 -18.74
N GLU A 268 18.51 2.16 -18.98
CA GLU A 268 19.13 3.46 -18.63
C GLU A 268 19.46 3.51 -17.13
N LEU A 269 18.47 3.32 -16.24
CA LEU A 269 18.69 3.33 -14.75
C LEU A 269 19.55 2.15 -14.30
N LEU A 270 19.39 0.92 -14.84
CA LEU A 270 20.21 -0.27 -14.43
C LEU A 270 21.71 0.04 -14.63
N GLU A 271 22.08 0.69 -15.75
CA GLU A 271 23.47 1.11 -16.13
C GLU A 271 23.92 2.23 -15.22
N TRP A 272 23.14 3.30 -15.14
CA TRP A 272 23.35 4.44 -14.23
C TRP A 272 23.77 3.94 -12.82
N TYR A 273 23.17 2.86 -12.33
CA TYR A 273 23.43 2.32 -10.97
C TYR A 273 24.71 1.47 -10.92
N GLY A 274 24.99 0.69 -11.98
CA GLY A 274 25.94 -0.44 -11.98
C GLY A 274 25.15 -1.72 -11.95
N ARG A 275 25.11 -2.49 -13.06
CA ARG A 275 24.23 -3.69 -13.21
C ARG A 275 24.65 -4.76 -12.17
N ASP A 276 25.91 -4.78 -11.75
CA ASP A 276 26.49 -5.74 -10.77
C ASP A 276 25.89 -5.58 -9.37
N LEU A 277 25.42 -4.39 -8.99
CA LEU A 277 24.79 -4.14 -7.66
C LEU A 277 23.50 -4.95 -7.46
N VAL A 278 22.79 -5.31 -8.56
CA VAL A 278 21.48 -6.02 -8.56
C VAL A 278 21.71 -7.54 -8.52
N PRO A 279 21.39 -8.30 -7.44
CA PRO A 279 21.84 -9.70 -7.34
C PRO A 279 20.90 -10.65 -8.12
N VAL A 280 20.85 -10.53 -9.45
CA VAL A 280 20.00 -11.32 -10.38
C VAL A 280 20.66 -12.67 -10.59
N GLN A 281 20.11 -13.74 -10.03
CA GLN A 281 20.60 -15.12 -10.34
C GLN A 281 19.77 -15.65 -11.52
N PRO A 282 20.28 -16.67 -12.27
CA PRO A 282 19.51 -17.36 -13.31
C PRO A 282 18.17 -17.91 -12.83
N GLY A 283 17.10 -17.72 -13.60
CA GLY A 283 15.75 -18.20 -13.25
C GLY A 283 14.92 -17.17 -12.49
N ASP A 284 15.50 -16.03 -12.07
CA ASP A 284 14.80 -15.00 -11.26
C ASP A 284 13.64 -14.41 -12.08
N PHE A 285 13.92 -14.00 -13.33
CA PHE A 285 12.90 -13.34 -14.21
C PHE A 285 11.76 -14.34 -14.50
N ASP A 286 12.01 -15.65 -14.63
CA ASP A 286 10.93 -16.68 -14.74
C ASP A 286 9.99 -16.53 -13.53
N ILE A 287 10.57 -16.40 -12.34
CA ILE A 287 9.82 -16.41 -11.05
C ILE A 287 9.00 -15.11 -10.93
N ILE A 288 9.61 -13.95 -11.16
CA ILE A 288 9.01 -12.60 -10.96
C ILE A 288 7.84 -12.35 -11.94
N THR A 289 7.94 -12.89 -13.16
CA THR A 289 6.92 -12.78 -14.24
C THR A 289 5.76 -13.78 -14.04
N THR A 290 5.71 -14.59 -12.97
CA THR A 290 4.65 -15.63 -12.73
C THR A 290 3.30 -14.98 -12.98
N PRO A 291 2.44 -15.44 -13.92
CA PRO A 291 1.16 -14.77 -14.20
C PRO A 291 0.38 -14.38 -12.93
N THR A 292 -0.12 -13.14 -12.85
CA THR A 292 -0.96 -12.69 -11.70
C THR A 292 -2.38 -12.41 -12.22
N ASP A 293 -3.38 -12.37 -11.34
CA ASP A 293 -4.79 -12.13 -11.77
C ASP A 293 -5.07 -10.64 -11.98
N PHE A 294 -4.50 -9.78 -11.15
CA PHE A 294 -4.73 -8.31 -11.21
C PHE A 294 -3.41 -7.60 -10.96
N LEU A 295 -3.34 -6.31 -11.30
CA LEU A 295 -2.37 -5.38 -10.68
C LEU A 295 -3.11 -4.37 -9.78
N ALA A 296 -2.68 -4.29 -8.52
CA ALA A 296 -3.16 -3.29 -7.54
C ALA A 296 -2.22 -2.09 -7.55
N VAL A 297 -2.78 -0.89 -7.42
CA VAL A 297 -2.12 0.42 -7.65
C VAL A 297 -2.45 1.35 -6.47
N ASN A 298 -1.42 1.92 -5.87
CA ASN A 298 -1.57 3.05 -4.93
C ASN A 298 -1.16 4.33 -5.68
N TYR A 299 -2.07 5.30 -5.79
CA TYR A 299 -1.84 6.60 -6.45
C TYR A 299 -2.22 7.70 -5.45
N TYR A 300 -1.36 8.72 -5.35
CA TYR A 300 -1.56 9.89 -4.43
C TYR A 300 -1.32 11.23 -5.16
N ALA A 301 -0.28 11.36 -5.99
CA ALA A 301 0.20 12.69 -6.43
C ALA A 301 0.95 12.67 -7.78
N ARG A 302 1.14 13.86 -8.35
CA ARG A 302 2.08 14.18 -9.46
C ARG A 302 3.42 14.73 -8.91
N THR A 303 4.51 14.49 -9.65
CA THR A 303 5.92 14.84 -9.29
C THR A 303 6.60 15.42 -10.54
N THR A 304 6.97 16.70 -10.49
CA THR A 304 7.53 17.44 -11.64
C THR A 304 9.03 17.61 -11.35
N VAL A 305 9.89 17.31 -12.30
CA VAL A 305 11.33 16.99 -12.03
C VAL A 305 12.20 17.80 -12.99
N LYS A 306 13.30 18.37 -12.47
CA LYS A 306 14.37 19.03 -13.27
C LYS A 306 15.70 18.37 -12.89
N ALA A 307 16.73 18.53 -13.72
CA ALA A 307 18.16 18.19 -13.41
C ALA A 307 18.61 18.95 -12.16
N GLY A 308 19.40 18.32 -11.29
CA GLY A 308 19.87 18.98 -10.05
C GLY A 308 20.56 18.00 -9.12
N SER A 309 20.83 18.41 -7.88
CA SER A 309 21.56 17.61 -6.85
C SER A 309 20.83 17.55 -5.49
N THR A 310 19.54 17.89 -5.38
CA THR A 310 18.72 17.58 -4.17
C THR A 310 18.93 16.10 -3.82
N ASP A 311 18.67 15.23 -4.80
CA ASP A 311 18.86 13.76 -4.72
C ASP A 311 20.29 13.45 -5.13
N PRO A 312 21.18 13.02 -4.21
CA PRO A 312 22.55 12.66 -4.62
C PRO A 312 22.52 11.52 -5.66
N MET A 313 21.76 10.45 -5.39
CA MET A 313 21.77 9.17 -6.14
C MET A 313 21.26 9.36 -7.57
N LEU A 314 20.17 10.11 -7.81
CA LEU A 314 19.52 10.25 -9.17
C LEU A 314 19.85 11.58 -9.84
N GLN A 315 20.43 12.51 -9.08
CA GLN A 315 20.74 13.90 -9.49
C GLN A 315 19.52 14.57 -10.13
N VAL A 316 18.47 14.80 -9.34
CA VAL A 316 17.19 15.48 -9.72
C VAL A 316 16.85 16.52 -8.64
N ASP A 317 16.16 17.60 -9.02
CA ASP A 317 15.38 18.47 -8.10
C ASP A 317 13.92 18.30 -8.46
N PHE A 318 13.05 18.65 -7.52
CA PHE A 318 11.58 18.67 -7.66
C PHE A 318 11.13 20.11 -7.82
N VAL A 319 10.22 20.35 -8.76
CA VAL A 319 9.57 21.66 -9.00
C VAL A 319 8.12 21.49 -8.53
N ARG A 320 7.59 22.46 -7.80
CA ARG A 320 6.19 22.45 -7.31
C ARG A 320 5.35 23.30 -8.25
N PRO A 321 4.55 22.74 -9.17
CA PRO A 321 3.69 23.55 -10.05
C PRO A 321 2.65 24.28 -9.21
N PRO A 322 2.21 25.51 -9.56
CA PRO A 322 1.09 26.15 -8.87
C PRO A 322 -0.11 25.19 -8.86
N GLY A 323 -0.78 25.01 -7.71
CA GLY A 323 -1.98 24.16 -7.57
C GLY A 323 -2.28 23.80 -6.12
N GLU A 324 -3.07 22.75 -5.93
CA GLU A 324 -3.61 22.31 -4.62
C GLU A 324 -2.58 21.34 -4.00
N TYR A 325 -2.25 21.50 -2.71
CA TYR A 325 -1.31 20.64 -1.94
C TYR A 325 -2.03 20.18 -0.68
N THR A 326 -1.91 18.91 -0.31
CA THR A 326 -2.44 18.36 0.98
C THR A 326 -1.50 18.78 2.12
N ALA A 327 -1.86 18.50 3.37
CA ALA A 327 -0.97 18.70 4.55
C ALA A 327 0.33 17.88 4.37
N MET A 328 0.34 16.83 3.53
CA MET A 328 1.55 15.99 3.27
C MET A 328 2.53 16.74 2.34
N ASP A 329 2.09 17.84 1.74
CA ASP A 329 2.86 18.57 0.69
C ASP A 329 2.84 17.74 -0.60
N TRP A 330 1.75 17.01 -0.83
CA TRP A 330 1.52 16.21 -2.06
C TRP A 330 0.56 16.97 -3.00
N GLU A 331 1.03 17.28 -4.21
CA GLU A 331 0.26 17.90 -5.33
C GLU A 331 -0.99 17.07 -5.62
N VAL A 332 -2.15 17.74 -5.62
CA VAL A 332 -3.49 17.14 -5.91
C VAL A 332 -3.65 17.14 -7.44
N TYR A 333 -3.68 16.00 -8.11
CA TYR A 333 -3.67 15.92 -9.59
C TYR A 333 -4.46 14.69 -10.03
N PRO A 334 -5.81 14.69 -9.93
CA PRO A 334 -6.59 13.50 -10.29
C PRO A 334 -6.30 12.98 -11.72
N GLN A 335 -5.95 13.86 -12.67
CA GLN A 335 -5.60 13.48 -14.08
C GLN A 335 -4.56 12.33 -14.05
N GLY A 336 -3.51 12.51 -13.24
CA GLY A 336 -2.47 11.51 -12.92
C GLY A 336 -3.04 10.10 -12.79
N LEU A 337 -4.16 9.93 -12.11
CA LEU A 337 -4.74 8.58 -11.90
C LEU A 337 -5.23 8.00 -13.24
N TYR A 338 -6.07 8.72 -13.99
CA TYR A 338 -6.47 8.33 -15.38
C TYR A 338 -5.22 7.92 -16.17
N ASN A 339 -4.19 8.79 -16.24
CA ASN A 339 -2.97 8.52 -17.04
C ASN A 339 -2.23 7.25 -16.56
N ILE A 340 -1.97 7.08 -15.25
CA ILE A 340 -1.26 5.89 -14.72
C ILE A 340 -2.03 4.62 -15.16
N LEU A 341 -3.33 4.53 -14.85
CA LEU A 341 -4.21 3.40 -15.25
C LEU A 341 -4.05 3.09 -16.75
N ASN A 342 -4.02 4.12 -17.59
CA ASN A 342 -4.03 4.00 -19.08
C ASN A 342 -2.64 3.52 -19.57
N TRP A 343 -1.57 4.07 -19.03
CA TRP A 343 -0.21 3.55 -19.31
C TRP A 343 -0.19 2.04 -19.04
N LEU A 344 -0.62 1.62 -17.84
CA LEU A 344 -0.57 0.20 -17.38
C LEU A 344 -1.39 -0.67 -18.32
N HIS A 345 -2.58 -0.16 -18.70
CA HIS A 345 -3.58 -0.83 -19.57
C HIS A 345 -2.92 -1.16 -20.91
N THR A 346 -2.24 -0.17 -21.49
CA THR A 346 -1.75 -0.20 -22.88
C THR A 346 -0.35 -0.82 -22.90
N ASP A 347 0.46 -0.66 -21.85
CA ASP A 347 1.86 -1.15 -21.86
C ASP A 347 1.89 -2.60 -21.43
N TYR A 348 1.00 -3.03 -20.54
CA TYR A 348 1.19 -4.32 -19.85
C TYR A 348 -0.03 -5.23 -19.94
N ALA A 349 -1.20 -4.68 -20.31
CA ALA A 349 -2.49 -5.38 -20.53
C ALA A 349 -2.84 -6.29 -19.36
N PRO A 350 -2.79 -5.82 -18.09
CA PRO A 350 -3.26 -6.61 -16.94
C PRO A 350 -4.77 -6.88 -17.02
N PRO A 351 -5.19 -8.17 -16.83
CA PRO A 351 -6.59 -8.55 -17.03
C PRO A 351 -7.56 -7.84 -16.05
N ALA A 352 -7.06 -7.35 -14.91
CA ALA A 352 -7.81 -6.51 -13.94
C ALA A 352 -6.87 -5.49 -13.26
N LEU A 353 -7.38 -4.31 -12.98
CA LEU A 353 -6.71 -3.32 -12.12
C LEU A 353 -7.58 -3.05 -10.89
N TYR A 354 -6.95 -2.68 -9.79
CA TYR A 354 -7.62 -2.15 -8.58
C TYR A 354 -6.90 -0.88 -8.13
N VAL A 355 -7.62 0.16 -7.71
CA VAL A 355 -7.00 1.22 -6.86
C VAL A 355 -7.10 0.67 -5.45
N THR A 356 -5.98 0.21 -4.87
CA THR A 356 -5.92 -0.38 -3.49
C THR A 356 -5.59 0.73 -2.46
N ALA A 357 -5.25 1.93 -2.89
CA ALA A 357 -5.04 3.06 -1.96
C ALA A 357 -5.04 4.38 -2.73
N ASN A 358 -6.01 5.25 -2.46
CA ASN A 358 -5.99 6.67 -2.85
C ASN A 358 -6.70 7.45 -1.74
N GLY A 359 -6.15 8.59 -1.31
CA GLY A 359 -6.77 9.51 -0.33
C GLY A 359 -5.88 10.70 -0.05
N ALA A 360 -6.16 11.49 0.98
CA ALA A 360 -5.49 12.79 1.21
C ALA A 360 -5.47 13.13 2.70
N ALA A 361 -4.36 13.66 3.23
CA ALA A 361 -4.27 14.15 4.63
C ALA A 361 -4.53 15.66 4.62
N TYR A 362 -5.46 16.15 5.46
CA TYR A 362 -5.72 17.60 5.76
C TYR A 362 -5.85 17.82 7.27
N ASP A 363 -5.41 18.97 7.81
CA ASP A 363 -5.49 19.23 9.27
C ASP A 363 -6.96 19.34 9.64
N ASP A 364 -7.51 18.27 10.18
CA ASP A 364 -8.94 18.19 10.59
C ASP A 364 -9.08 18.91 11.94
N GLN A 365 -10.31 19.23 12.29
CA GLN A 365 -10.67 19.91 13.55
C GLN A 365 -12.06 19.41 13.90
N VAL A 366 -12.31 19.05 15.15
CA VAL A 366 -13.68 18.69 15.59
C VAL A 366 -14.42 19.99 15.91
N SER A 367 -15.53 20.29 15.24
CA SER A 367 -16.35 21.49 15.53
C SER A 367 -16.97 21.28 16.92
N ALA A 368 -17.50 22.34 17.53
CA ALA A 368 -18.27 22.30 18.80
C ALA A 368 -19.36 21.19 18.76
N ALA A 369 -20.03 21.01 17.62
CA ALA A 369 -21.10 20.00 17.38
C ALA A 369 -20.58 18.54 17.40
N GLY A 370 -19.29 18.29 17.66
CA GLY A 370 -18.67 16.96 17.60
C GLY A 370 -18.65 16.39 16.19
N GLU A 371 -18.54 17.24 15.17
CA GLU A 371 -18.56 16.89 13.72
C GLU A 371 -17.23 17.32 13.07
N VAL A 372 -16.87 16.68 11.97
CA VAL A 372 -15.60 16.95 11.23
C VAL A 372 -15.95 17.37 9.81
N ASP A 373 -15.82 18.65 9.50
CA ASP A 373 -16.13 19.18 8.17
C ASP A 373 -14.80 19.28 7.39
N ASP A 374 -14.55 18.34 6.48
CA ASP A 374 -13.30 18.23 5.65
C ASP A 374 -13.63 18.42 4.16
N PRO A 375 -14.04 19.64 3.74
CA PRO A 375 -14.34 19.88 2.34
C PRO A 375 -13.19 19.61 1.36
N GLN A 376 -11.93 19.72 1.83
CA GLN A 376 -10.76 19.55 0.92
C GLN A 376 -10.53 18.08 0.59
N ARG A 377 -10.60 17.19 1.59
CA ARG A 377 -10.56 15.71 1.39
C ARG A 377 -11.71 15.28 0.44
N LEU A 378 -12.93 15.78 0.69
CA LEU A 378 -14.15 15.47 -0.11
C LEU A 378 -13.80 15.80 -1.56
N ALA A 379 -13.30 17.03 -1.83
CA ALA A 379 -12.92 17.47 -3.19
C ALA A 379 -11.92 16.48 -3.77
N TYR A 380 -10.80 16.23 -3.10
CA TYR A 380 -9.75 15.27 -3.56
C TYR A 380 -10.38 13.98 -4.13
N LEU A 381 -11.24 13.33 -3.34
CA LEU A 381 -11.75 11.96 -3.59
C LEU A 381 -12.68 11.98 -4.80
N GLU A 382 -13.57 12.99 -4.86
CA GLU A 382 -14.50 13.24 -6.00
C GLU A 382 -13.71 13.28 -7.33
N GLY A 383 -12.67 14.11 -7.38
CA GLY A 383 -11.76 14.24 -8.54
C GLY A 383 -11.20 12.89 -8.97
N HIS A 384 -10.63 12.12 -8.04
CA HIS A 384 -9.98 10.81 -8.34
C HIS A 384 -11.08 9.76 -8.66
N PHE A 385 -12.20 9.77 -7.96
CA PHE A 385 -13.36 8.92 -8.35
C PHE A 385 -13.71 9.22 -9.81
N GLU A 386 -13.73 10.50 -10.20
CA GLU A 386 -14.02 10.97 -11.60
C GLU A 386 -12.99 10.35 -12.56
N ALA A 387 -11.69 10.60 -12.34
CA ALA A 387 -10.56 9.98 -13.07
C ALA A 387 -10.73 8.45 -13.16
N ALA A 388 -11.15 7.77 -12.10
CA ALA A 388 -11.42 6.30 -12.13
C ALA A 388 -12.61 6.02 -13.07
N TYR A 389 -13.72 6.78 -12.98
CA TYR A 389 -14.91 6.62 -13.88
C TYR A 389 -14.48 6.79 -15.33
N ARG A 390 -13.72 7.86 -15.67
CA ARG A 390 -13.25 8.14 -17.06
C ARG A 390 -12.37 6.97 -17.54
N ALA A 391 -11.57 6.39 -16.65
CA ALA A 391 -10.80 5.14 -16.91
C ALA A 391 -11.72 4.00 -17.37
N ILE A 392 -12.75 3.66 -16.60
CA ILE A 392 -13.68 2.55 -16.96
C ILE A 392 -14.30 2.82 -18.34
N GLN A 393 -14.76 4.06 -18.61
CA GLN A 393 -15.42 4.44 -19.90
C GLN A 393 -14.44 4.32 -21.08
N ALA A 394 -13.12 4.37 -20.89
CA ALA A 394 -12.08 4.08 -21.93
C ALA A 394 -11.83 2.57 -22.10
N GLY A 395 -12.50 1.70 -21.33
CA GLY A 395 -12.38 0.23 -21.45
C GLY A 395 -11.13 -0.26 -20.73
N ILE A 396 -10.81 0.33 -19.57
CA ILE A 396 -9.70 -0.11 -18.65
C ILE A 396 -10.33 -1.02 -17.59
N PRO A 397 -9.81 -2.25 -17.37
CA PRO A 397 -10.54 -3.23 -16.54
C PRO A 397 -10.37 -3.03 -15.03
N LEU A 398 -10.62 -1.81 -14.55
CA LEU A 398 -10.67 -1.40 -13.10
C LEU A 398 -11.91 -1.97 -12.42
N LYS A 399 -11.71 -2.89 -11.49
CA LYS A 399 -12.74 -3.71 -10.83
C LYS A 399 -13.03 -3.16 -9.43
N GLY A 400 -12.24 -2.21 -8.96
CA GLY A 400 -12.45 -1.75 -7.58
C GLY A 400 -11.59 -0.56 -7.24
N TYR A 401 -11.89 0.00 -6.06
CA TYR A 401 -11.33 1.27 -5.51
C TYR A 401 -11.45 1.26 -3.97
N PHE A 402 -10.30 1.22 -3.28
CA PHE A 402 -10.22 1.31 -1.80
C PHE A 402 -9.66 2.67 -1.42
N VAL A 403 -10.43 3.43 -0.65
CA VAL A 403 -9.91 4.69 -0.05
C VAL A 403 -8.84 4.34 1.01
N TRP A 404 -7.72 5.04 0.96
CA TRP A 404 -6.79 5.19 2.10
C TRP A 404 -7.21 6.47 2.80
N SER A 405 -7.78 6.37 4.01
CA SER A 405 -7.98 5.14 4.75
C SER A 405 -9.38 5.21 5.41
N LEU A 406 -9.93 4.06 5.81
CA LEU A 406 -11.14 3.94 6.68
C LEU A 406 -11.06 5.02 7.76
N MET A 407 -9.92 5.15 8.44
CA MET A 407 -9.78 6.07 9.60
C MET A 407 -8.31 6.51 9.79
N ASP A 408 -8.15 7.70 10.39
CA ASP A 408 -6.87 8.28 10.87
C ASP A 408 -6.05 7.18 11.56
N ASN A 409 -4.74 7.13 11.37
CA ASN A 409 -3.93 6.03 11.95
C ASN A 409 -2.48 6.51 12.13
N PHE A 410 -1.56 5.58 12.43
CA PHE A 410 -0.11 5.80 12.47
C PHE A 410 0.35 5.94 11.02
N GLU A 411 0.71 7.16 10.62
CA GLU A 411 1.28 7.46 9.30
C GLU A 411 2.81 7.34 9.38
N TRP A 412 3.33 6.19 9.80
CA TRP A 412 4.80 5.91 9.65
C TRP A 412 5.64 7.08 10.21
N GLY A 413 6.63 7.61 9.48
CA GLY A 413 7.59 8.61 9.96
C GLY A 413 6.94 9.93 10.32
N ARG A 414 5.66 10.12 9.98
CA ARG A 414 4.93 11.38 10.27
C ARG A 414 4.05 11.19 11.54
N GLY A 415 3.94 9.94 12.03
CA GLY A 415 3.22 9.61 13.26
C GLY A 415 1.73 9.88 13.09
N PHE A 416 1.06 10.34 14.14
CA PHE A 416 -0.41 10.49 14.16
C PHE A 416 -0.77 11.88 13.62
N GLU A 417 0.19 12.78 13.46
CA GLU A 417 -0.05 14.15 12.94
C GLU A 417 -0.74 14.15 11.57
N LYS A 418 -0.58 13.15 10.70
CA LYS A 418 -1.18 13.19 9.35
C LYS A 418 -2.37 12.21 9.29
N ARG A 419 -3.59 12.75 9.20
CA ARG A 419 -4.87 12.01 9.25
C ARG A 419 -5.39 11.80 7.82
N PHE A 420 -5.48 10.54 7.37
CA PHE A 420 -5.93 10.10 6.01
C PHE A 420 -7.38 9.59 6.02
N GLY A 421 -7.95 9.47 7.20
CA GLY A 421 -9.23 8.76 7.36
C GLY A 421 -10.34 9.52 6.70
N ILE A 422 -11.38 8.81 6.23
CA ILE A 422 -12.75 9.36 6.04
C ILE A 422 -13.49 9.27 7.38
N VAL A 423 -12.84 8.71 8.42
CA VAL A 423 -13.37 8.62 9.82
C VAL A 423 -12.32 9.19 10.82
N PHE A 424 -12.63 10.26 11.58
CA PHE A 424 -11.72 10.87 12.59
C PHE A 424 -11.49 9.84 13.70
N VAL A 425 -10.31 9.84 14.32
CA VAL A 425 -10.05 9.14 15.61
C VAL A 425 -9.49 10.17 16.59
N ASP A 426 -10.14 10.25 17.73
CA ASP A 426 -9.67 11.02 18.91
C ASP A 426 -8.79 10.06 19.69
N TYR A 427 -7.48 10.24 19.60
CA TYR A 427 -6.49 9.35 20.25
C TYR A 427 -6.71 9.39 21.77
N ALA A 428 -7.17 10.51 22.34
CA ALA A 428 -7.49 10.64 23.79
C ALA A 428 -8.51 9.58 24.21
N THR A 429 -9.55 9.30 23.43
CA THR A 429 -10.71 8.45 23.83
C THR A 429 -10.87 7.21 22.92
N GLN A 430 -10.19 7.13 21.78
CA GLN A 430 -10.40 6.11 20.70
C GLN A 430 -11.77 6.25 20.03
N GLN A 431 -12.40 7.42 20.14
CA GLN A 431 -13.73 7.64 19.55
C GLN A 431 -13.59 7.81 18.03
N ARG A 432 -14.39 7.05 17.28
CA ARG A 432 -14.50 7.20 15.80
C ARG A 432 -15.59 8.24 15.51
N ILE A 433 -15.30 9.27 14.70
CA ILE A 433 -16.33 10.21 14.17
C ILE A 433 -16.30 10.12 12.64
N ILE A 434 -17.37 9.63 12.00
CA ILE A 434 -17.45 9.63 10.50
C ILE A 434 -17.38 11.09 10.06
N LYS A 435 -16.34 11.45 9.29
CA LYS A 435 -16.17 12.82 8.71
C LYS A 435 -17.26 13.10 7.65
N ARG A 436 -17.38 14.35 7.21
CA ARG A 436 -18.26 14.73 6.08
C ARG A 436 -17.88 13.89 4.85
N SER A 437 -16.57 13.74 4.61
CA SER A 437 -16.03 12.96 3.47
C SER A 437 -16.49 11.48 3.56
N GLY A 438 -16.61 10.94 4.78
CA GLY A 438 -17.20 9.61 5.05
C GLY A 438 -18.69 9.53 4.78
N LYS A 439 -19.48 10.57 5.14
CA LYS A 439 -20.97 10.57 5.01
C LYS A 439 -21.28 10.56 3.52
N TRP A 440 -20.53 11.36 2.76
CA TRP A 440 -20.53 11.45 1.28
C TRP A 440 -20.11 10.11 0.63
N PHE A 441 -19.00 9.51 1.07
CA PHE A 441 -18.54 8.19 0.57
C PHE A 441 -19.69 7.17 0.72
N SER A 442 -20.48 7.27 1.80
CA SER A 442 -21.66 6.40 2.10
C SER A 442 -22.75 6.52 1.03
N GLN A 443 -22.91 7.69 0.41
CA GLN A 443 -23.87 7.92 -0.71
C GLN A 443 -23.28 7.30 -1.99
N VAL A 444 -21.98 7.49 -2.23
CA VAL A 444 -21.24 6.96 -3.42
C VAL A 444 -21.32 5.43 -3.49
N THR A 445 -21.05 4.72 -2.39
CA THR A 445 -20.95 3.24 -2.36
C THR A 445 -22.33 2.63 -2.66
N ARG A 446 -23.38 3.28 -2.17
CA ARG A 446 -24.77 2.78 -2.24
C ARG A 446 -25.44 3.16 -3.57
N ALA A 447 -25.16 4.36 -4.12
CA ALA A 447 -25.60 4.72 -5.50
C ALA A 447 -24.69 4.00 -6.50
N ASN A 448 -23.66 3.30 -6.01
CA ASN A 448 -22.57 2.72 -6.84
C ASN A 448 -22.12 3.73 -7.92
N GLY A 449 -21.95 5.01 -7.55
CA GLY A 449 -21.52 6.07 -8.47
C GLY A 449 -21.62 7.47 -7.88
N LEU A 450 -21.46 8.48 -8.73
CA LEU A 450 -21.37 9.92 -8.37
C LEU A 450 -22.67 10.62 -8.77
N PRO A 451 -23.47 11.13 -7.79
CA PRO A 451 -24.84 11.57 -8.04
C PRO A 451 -25.03 12.30 -9.39
C1 PNW B . 1.16 4.23 1.39
N1 PNW B . 5.94 7.79 -1.03
O1 PNW B . 2.39 4.80 1.88
C2 PNW B . 0.83 2.89 2.11
O2 PNW B . 0.10 1.95 1.28
C3 PNW B . 0.13 3.19 3.44
O3 PNW B . 0.69 2.34 4.43
C4 PNW B . 0.38 4.61 3.93
O4 PNW B . -0.30 5.01 5.08
C5 PNW B . -0.01 5.69 2.94
O5 PNW B . 0.18 5.27 1.58
C6 PNW B . 0.81 6.92 3.32
O6 PNW B . 1.09 7.70 2.20
C7 PNW B . 3.26 5.55 1.14
O7 PNW B . 7.09 7.85 -0.61
C8 PNW B . 4.38 6.05 1.78
O8 PNW B . 5.56 8.44 -2.22
C9 PNW B . 5.28 6.80 1.07
C10 PNW B . 5.04 7.03 -0.28
C11 PNW B . 3.92 6.51 -0.93
C12 PNW B . 3.04 5.77 -0.22
C1 PNW C . 5.12 13.97 -4.49
N1 PNW C . 3.29 7.80 -4.65
O1 PNW C . 4.70 13.09 -3.42
C2 PNW C . 4.70 15.46 -4.39
O2 PNW C . 3.45 15.68 -5.00
C3 PNW C . 5.64 16.44 -5.12
O3 PNW C . 5.28 17.82 -4.92
C4 PNW C . 7.05 16.15 -4.60
O4 PNW C . 7.98 17.04 -5.18
C5 PNW C . 7.46 14.72 -4.96
O5 PNW C . 6.54 13.72 -4.50
C6 PNW C . 8.87 14.34 -4.46
O6 PNW C . 8.91 14.35 -3.04
C7 PNW C . 4.40 11.79 -3.73
O7 PNW C . 2.35 7.66 -5.44
C8 PNW C . 5.07 11.08 -4.75
O8 PNW C . 3.90 6.66 -4.15
C9 PNW C . 4.72 9.76 -5.04
C10 PNW C . 3.69 9.12 -4.34
C11 PNW C . 3.04 9.84 -3.34
C12 PNW C . 3.39 11.13 -3.03
S SO4 D . 12.61 1.14 -20.17
O1 SO4 D . 14.01 0.81 -20.20
O2 SO4 D . 12.21 1.55 -21.48
O3 SO4 D . 11.84 -0.01 -19.76
O4 SO4 D . 12.36 2.23 -19.24
S SO4 E . 15.58 -15.81 -16.03
O1 SO4 E . 16.04 -15.02 -17.15
O2 SO4 E . 16.44 -16.95 -15.83
O3 SO4 E . 14.25 -16.30 -16.26
O4 SO4 E . 15.57 -14.98 -14.86
S SO4 F . 25.49 -11.92 -4.22
O1 SO4 F . 26.89 -11.93 -4.50
O2 SO4 F . 24.74 -11.77 -5.46
O3 SO4 F . 25.13 -13.15 -3.55
O4 SO4 F . 25.20 -10.79 -3.40
#